data_2Y99
#
_entry.id   2Y99
#
_cell.length_a   76.140
_cell.length_b   76.140
_cell.length_c   179.990
_cell.angle_alpha   90.00
_cell.angle_beta   90.00
_cell.angle_gamma   90.00
#
_symmetry.space_group_name_H-M   'P 43 21 2'
#
loop_
_entity.id
_entity.type
_entity.pdbx_description
1 polymer 'CIS-2,3-DIHYDROBIPHENYL-2,3-DIOL DEHYDROGENASE'
2 non-polymer NICOTINAMIDE-ADENINE-DINUCLEOTIDE
3 water water
#
_entity_poly.entity_id   1
_entity_poly.type   'polypeptide(L)'
_entity_poly.pdbx_seq_one_letter_code
;MKLTGEVALITGGASGLGRALVDRFVAEGARVAVLDKSAERLRELEVAHGGNAVGVVGDVRSLQDQKRAAERCLAAFGKI
DTLIPNAGIWDYSTALADLPEDKIDAAFDDIFHVNVKGYIHAVKACLPALVSSRGSVVFTISNAGFYPNGGGPLYTATKH
AVVGLVRQMAFELAPHVRVNGVAPGGMNTDLRGPSSLGLSEQSISSVPLADMLKSVLPIGRMPALEEYTGAYVFFATRGD
SLPATGALLNYDGGMGVRGFLTAAGGADLPEKLNINREGQE
;
_entity_poly.pdbx_strand_id   A,B
#
# COMPACT_ATOMS: atom_id res chain seq x y z
N MET A 1 8.78 7.02 -15.03
CA MET A 1 8.21 6.66 -16.37
C MET A 1 7.43 5.35 -16.30
N LYS A 2 6.73 5.15 -15.19
CA LYS A 2 6.01 3.91 -14.91
C LYS A 2 4.73 3.75 -15.72
N LEU A 3 4.14 4.88 -16.15
CA LEU A 3 2.80 4.88 -16.71
C LEU A 3 2.72 5.16 -18.22
N THR A 4 3.76 4.78 -18.95
CA THR A 4 3.78 4.96 -20.41
C THR A 4 2.66 4.14 -21.05
N GLY A 5 1.83 4.81 -21.85
CA GLY A 5 0.73 4.16 -22.57
C GLY A 5 -0.48 3.83 -21.72
N GLU A 6 -0.49 4.29 -20.47
CA GLU A 6 -1.60 4.06 -19.56
C GLU A 6 -2.57 5.25 -19.58
N VAL A 7 -3.86 4.94 -19.48
CA VAL A 7 -4.89 5.98 -19.51
C VAL A 7 -5.71 5.98 -18.21
N ALA A 8 -5.69 7.11 -17.51
CA ALA A 8 -6.41 7.27 -16.25
C ALA A 8 -7.58 8.21 -16.39
N LEU A 9 -8.62 7.96 -15.60
CA LEU A 9 -9.69 8.95 -15.41
C LEU A 9 -9.72 9.33 -13.94
N ILE A 10 -9.58 10.63 -13.67
CA ILE A 10 -9.53 11.14 -12.31
C ILE A 10 -10.62 12.19 -12.13
N THR A 11 -11.51 11.95 -11.17
CA THR A 11 -12.57 12.91 -10.85
C THR A 11 -12.05 13.96 -9.88
N GLY A 12 -12.63 15.17 -9.95
CA GLY A 12 -12.25 16.28 -9.08
C GLY A 12 -10.77 16.62 -9.16
N GLY A 13 -10.23 16.58 -10.37
CA GLY A 13 -8.80 16.75 -10.60
C GLY A 13 -8.37 18.10 -11.15
N ALA A 14 -9.20 19.12 -10.93
CA ALA A 14 -8.87 20.47 -11.38
C ALA A 14 -8.15 21.30 -10.31
N SER A 15 -8.10 20.78 -9.09
CA SER A 15 -7.42 21.44 -7.97
C SER A 15 -7.10 20.45 -6.84
N GLY A 16 -6.19 20.86 -5.96
CA GLY A 16 -5.79 20.02 -4.81
C GLY A 16 -5.14 18.72 -5.23
N LEU A 17 -5.35 17.68 -4.42
CA LEU A 17 -4.76 16.35 -4.65
C LEU A 17 -5.04 15.81 -6.06
N GLY A 18 -6.27 16.02 -6.54
CA GLY A 18 -6.66 15.63 -7.89
C GLY A 18 -5.76 16.21 -8.95
N ARG A 19 -5.50 17.51 -8.87
CA ARG A 19 -4.62 18.21 -9.82
C ARG A 19 -3.18 17.68 -9.74
N ALA A 20 -2.70 17.45 -8.53
CA ALA A 20 -1.38 16.89 -8.29
C ALA A 20 -1.23 15.53 -8.96
N LEU A 21 -2.31 14.73 -8.92
CA LEU A 21 -2.34 13.41 -9.57
C LEU A 21 -2.25 13.54 -11.10
N VAL A 22 -3.00 14.48 -11.65
CA VAL A 22 -2.97 14.75 -13.09
C VAL A 22 -1.56 15.10 -13.52
N ASP A 23 -1.00 16.15 -12.91
CA ASP A 23 0.36 16.61 -13.20
C ASP A 23 1.39 15.49 -13.14
N ARG A 24 1.32 14.69 -12.08
CA ARG A 24 2.25 13.56 -11.89
C ARG A 24 2.04 12.45 -12.92
N PHE A 25 0.78 12.04 -13.10
CA PHE A 25 0.43 11.01 -14.07
C PHE A 25 0.91 11.36 -15.48
N VAL A 26 0.63 12.60 -15.90
CA VAL A 26 1.11 13.10 -17.21
C VAL A 26 2.64 13.05 -17.28
N ALA A 27 3.30 13.41 -16.19
CA ALA A 27 4.77 13.38 -16.11
C ALA A 27 5.31 11.94 -16.14
N GLU A 28 4.48 10.99 -15.75
CA GLU A 28 4.84 9.57 -15.79
C GLU A 28 4.50 8.94 -17.15
N GLY A 29 4.10 9.78 -18.10
CA GLY A 29 3.77 9.31 -19.45
C GLY A 29 2.38 8.74 -19.60
N ALA A 30 1.50 9.08 -18.66
CA ALA A 30 0.11 8.64 -18.70
C ALA A 30 -0.76 9.63 -19.46
N ARG A 31 -1.93 9.15 -19.90
CA ARG A 31 -2.94 9.99 -20.51
C ARG A 31 -4.11 10.10 -19.54
N VAL A 32 -4.53 11.33 -19.25
CA VAL A 32 -5.47 11.58 -18.16
C VAL A 32 -6.74 12.32 -18.59
N ALA A 33 -7.89 11.76 -18.22
CA ALA A 33 -9.16 12.45 -18.40
C ALA A 33 -9.69 12.92 -17.05
N VAL A 34 -10.19 14.15 -17.02
CA VAL A 34 -10.63 14.75 -15.76
C VAL A 34 -12.08 15.20 -15.81
N LEU A 35 -12.86 14.74 -14.84
CA LEU A 35 -14.22 15.23 -14.64
C LEU A 35 -14.25 16.16 -13.43
N ASP A 36 -14.64 17.40 -13.68
CA ASP A 36 -14.72 18.41 -12.62
C ASP A 36 -15.81 19.44 -12.93
N LYS A 37 -16.30 20.11 -11.90
CA LYS A 37 -17.32 21.15 -12.05
C LYS A 37 -16.73 22.50 -12.49
N SER A 38 -15.41 22.64 -12.36
CA SER A 38 -14.73 23.89 -12.70
C SER A 38 -14.26 23.91 -14.15
N ALA A 39 -14.94 24.70 -14.97
CA ALA A 39 -14.65 24.77 -16.41
C ALA A 39 -13.31 25.43 -16.73
N GLU A 40 -13.04 26.58 -16.10
CA GLU A 40 -11.84 27.36 -16.40
C GLU A 40 -10.55 26.72 -15.89
N ARG A 41 -10.65 25.96 -14.80
CA ARG A 41 -9.52 25.21 -14.27
C ARG A 41 -9.23 23.96 -15.12
N LEU A 42 -10.27 23.38 -15.69
CA LEU A 42 -10.14 22.23 -16.59
C LEU A 42 -9.41 22.58 -17.88
N ARG A 43 -9.75 23.72 -18.46
CA ARG A 43 -9.09 24.21 -19.67
C ARG A 43 -7.64 24.59 -19.38
N GLU A 44 -7.43 25.18 -18.20
CA GLU A 44 -6.10 25.51 -17.68
C GLU A 44 -5.25 24.24 -17.54
N LEU A 45 -5.87 23.18 -17.04
CA LEU A 45 -5.24 21.87 -16.91
C LEU A 45 -4.93 21.27 -18.28
N GLU A 46 -5.86 21.44 -19.22
CA GLU A 46 -5.73 20.93 -20.59
C GLU A 46 -4.55 21.53 -21.35
N VAL A 47 -4.37 22.85 -21.25
CA VAL A 47 -3.27 23.53 -21.94
C VAL A 47 -1.92 23.29 -21.27
N ALA A 48 -1.95 22.98 -19.97
CA ALA A 48 -0.74 22.66 -19.22
C ALA A 48 -0.21 21.28 -19.61
N HIS A 49 -1.11 20.41 -20.05
CA HIS A 49 -0.74 19.07 -20.52
C HIS A 49 -1.40 18.80 -21.87
N GLY A 50 -0.94 19.53 -22.88
CA GLY A 50 -1.51 19.49 -24.22
C GLY A 50 -1.41 18.13 -24.90
N GLY A 51 -2.57 17.49 -25.10
CA GLY A 51 -2.64 16.21 -25.79
C GLY A 51 -2.76 15.04 -24.84
N ASN A 52 -2.07 15.11 -23.71
CA ASN A 52 -2.07 14.03 -22.73
C ASN A 52 -3.28 14.07 -21.81
N ALA A 53 -3.82 15.26 -21.56
CA ALA A 53 -4.96 15.44 -20.67
C ALA A 53 -6.16 16.08 -21.36
N VAL A 54 -7.35 15.58 -21.05
CA VAL A 54 -8.60 16.17 -21.54
C VAL A 54 -9.62 16.36 -20.41
N GLY A 55 -10.21 17.56 -20.36
CA GLY A 55 -11.15 17.92 -19.32
C GLY A 55 -12.59 17.88 -19.78
N VAL A 56 -13.47 17.36 -18.92
CA VAL A 56 -14.90 17.31 -19.19
C VAL A 56 -15.68 17.96 -18.04
N VAL A 57 -16.44 19.00 -18.38
CA VAL A 57 -17.20 19.77 -17.38
C VAL A 57 -18.47 19.02 -16.99
N GLY A 58 -18.59 18.72 -15.69
CA GLY A 58 -19.75 18.00 -15.19
C GLY A 58 -19.74 17.79 -13.69
N ASP A 59 -20.84 17.24 -13.17
CA ASP A 59 -20.98 16.97 -11.75
C ASP A 59 -20.78 15.48 -11.48
N VAL A 60 -19.99 15.16 -10.46
CA VAL A 60 -19.74 13.77 -10.08
C VAL A 60 -20.99 13.10 -9.49
N ARG A 61 -21.92 13.90 -8.99
CA ARG A 61 -23.19 13.42 -8.48
C ARG A 61 -24.10 12.93 -9.60
N SER A 62 -23.87 13.45 -10.81
CA SER A 62 -24.63 13.05 -11.98
C SER A 62 -23.99 11.85 -12.65
N LEU A 63 -24.77 10.79 -12.83
CA LEU A 63 -24.29 9.58 -13.50
C LEU A 63 -24.07 9.83 -14.99
N GLN A 64 -24.88 10.74 -15.55
CA GLN A 64 -24.79 11.06 -16.97
C GLN A 64 -23.54 11.89 -17.28
N ASP A 65 -23.13 12.71 -16.33
CA ASP A 65 -21.87 13.46 -16.43
C ASP A 65 -20.67 12.53 -16.25
N GLN A 66 -20.85 11.49 -15.46
CA GLN A 66 -19.85 10.44 -15.30
C GLN A 66 -19.73 9.63 -16.58
N LYS A 67 -20.88 9.33 -17.20
CA LYS A 67 -20.94 8.64 -18.48
C LYS A 67 -20.33 9.47 -19.60
N ARG A 68 -20.61 10.78 -19.59
CA ARG A 68 -20.00 11.72 -20.52
C ARG A 68 -18.48 11.75 -20.39
N ALA A 69 -18.01 11.66 -19.15
CA ALA A 69 -16.58 11.61 -18.87
C ALA A 69 -15.95 10.33 -19.41
N ALA A 70 -16.57 9.19 -19.09
CA ALA A 70 -16.11 7.89 -19.57
C ALA A 70 -16.12 7.79 -21.10
N GLU A 71 -17.14 8.40 -21.71
CA GLU A 71 -17.31 8.41 -23.16
C GLU A 71 -16.27 9.31 -23.84
N ARG A 72 -16.00 10.47 -23.23
CA ARG A 72 -15.03 11.44 -23.74
C ARG A 72 -13.60 10.92 -23.62
N CYS A 73 -13.33 10.15 -22.57
CA CYS A 73 -12.02 9.56 -22.35
C CYS A 73 -11.74 8.49 -23.41
N LEU A 74 -12.73 7.63 -23.65
CA LEU A 74 -12.65 6.62 -24.69
C LEU A 74 -12.45 7.23 -26.07
N ALA A 75 -13.22 8.29 -26.34
CA ALA A 75 -13.14 9.00 -27.62
C ALA A 75 -11.75 9.58 -27.87
N ALA A 76 -11.16 10.16 -26.83
CA ALA A 76 -9.87 10.83 -26.94
C ALA A 76 -8.67 9.89 -26.81
N PHE A 77 -8.78 8.88 -25.95
CA PHE A 77 -7.62 8.03 -25.64
C PHE A 77 -7.83 6.53 -25.89
N GLY A 78 -9.03 6.14 -26.30
CA GLY A 78 -9.30 4.76 -26.72
C GLY A 78 -9.57 3.73 -25.63
N LYS A 79 -9.17 4.05 -24.40
CA LYS A 79 -9.30 3.12 -23.26
C LYS A 79 -9.28 3.84 -21.92
N ILE A 80 -9.70 3.13 -20.87
CA ILE A 80 -9.56 3.58 -19.48
C ILE A 80 -8.92 2.45 -18.69
N ASP A 81 -7.65 2.62 -18.33
CA ASP A 81 -6.91 1.61 -17.58
C ASP A 81 -7.16 1.75 -16.07
N THR A 82 -7.03 2.98 -15.57
CA THR A 82 -7.18 3.24 -14.14
C THR A 82 -8.20 4.35 -13.87
N LEU A 83 -9.12 4.08 -12.95
CA LEU A 83 -10.06 5.08 -12.50
C LEU A 83 -9.70 5.53 -11.09
N ILE A 84 -9.58 6.84 -10.92
CA ILE A 84 -9.33 7.43 -9.60
C ILE A 84 -10.50 8.34 -9.18
N PRO A 85 -11.52 7.77 -8.53
CA PRO A 85 -12.57 8.59 -7.92
C PRO A 85 -11.97 9.37 -6.76
N ASN A 86 -11.85 10.68 -6.93
CA ASN A 86 -11.09 11.52 -6.02
C ASN A 86 -11.89 12.72 -5.49
N ALA A 87 -12.96 13.09 -6.18
CA ALA A 87 -13.76 14.26 -5.81
C ALA A 87 -14.41 14.10 -4.43
N GLY A 88 -14.09 15.02 -3.54
CA GLY A 88 -14.59 15.00 -2.16
C GLY A 88 -14.87 16.37 -1.57
N ILE A 89 -15.66 16.37 -0.50
CA ILE A 89 -16.12 17.57 0.18
C ILE A 89 -15.93 17.39 1.69
N TRP A 90 -15.41 18.42 2.35
CA TRP A 90 -15.20 18.38 3.80
C TRP A 90 -16.42 18.96 4.54
N ASP A 91 -16.44 18.80 5.87
CA ASP A 91 -17.55 19.31 6.69
C ASP A 91 -17.06 20.27 7.79
N TYR A 92 -15.88 20.86 7.56
CA TYR A 92 -15.21 21.76 8.52
C TYR A 92 -15.07 21.13 9.91
N SER A 93 -15.00 19.80 9.95
CA SER A 93 -14.86 19.01 11.19
C SER A 93 -15.95 19.32 12.24
N THR A 94 -17.15 19.66 11.75
CA THR A 94 -18.27 20.07 12.59
C THR A 94 -18.85 18.91 13.38
N ALA A 95 -18.86 19.04 14.71
CA ALA A 95 -19.42 18.03 15.62
C ALA A 95 -20.94 17.92 15.50
N LEU A 96 -21.49 16.80 15.98
CA LEU A 96 -22.94 16.54 15.88
C LEU A 96 -23.78 17.57 16.63
N ALA A 97 -23.31 17.97 17.81
CA ALA A 97 -24.00 18.97 18.62
C ALA A 97 -23.92 20.37 17.98
N ASP A 98 -23.00 20.54 17.03
CA ASP A 98 -22.80 21.82 16.36
C ASP A 98 -23.45 21.88 14.98
N LEU A 99 -24.04 20.77 14.55
CA LEU A 99 -24.84 20.74 13.32
C LEU A 99 -26.25 21.21 13.65
N PRO A 100 -26.65 22.39 13.12
CA PRO A 100 -28.00 22.89 13.38
C PRO A 100 -29.06 21.94 12.83
N GLU A 101 -30.17 21.82 13.56
CA GLU A 101 -31.27 20.94 13.18
C GLU A 101 -31.81 21.26 11.77
N ASP A 102 -31.96 22.54 11.48
CA ASP A 102 -32.54 23.01 10.22
C ASP A 102 -31.60 22.88 9.00
N LYS A 103 -30.37 22.44 9.24
CA LYS A 103 -29.36 22.29 8.18
C LYS A 103 -28.83 20.86 8.03
N ILE A 104 -29.06 20.03 9.03
CA ILE A 104 -28.47 18.69 9.13
C ILE A 104 -28.86 17.73 7.98
N ASP A 105 -30.07 17.89 7.45
CA ASP A 105 -30.57 17.04 6.36
C ASP A 105 -29.89 17.32 5.02
N ALA A 106 -29.86 18.59 4.63
CA ALA A 106 -29.24 19.00 3.36
C ALA A 106 -27.73 18.81 3.37
N ALA A 107 -27.13 18.97 4.55
CA ALA A 107 -25.70 18.76 4.73
C ALA A 107 -25.32 17.30 4.49
N PHE A 108 -26.15 16.40 5.02
CA PHE A 108 -26.01 14.96 4.80
C PHE A 108 -26.08 14.61 3.32
N ASP A 109 -27.11 15.11 2.64
CA ASP A 109 -27.30 14.87 1.22
C ASP A 109 -26.13 15.35 0.38
N ASP A 110 -25.67 16.58 0.64
CA ASP A 110 -24.57 17.16 -0.13
C ASP A 110 -23.28 16.35 0.02
N ILE A 111 -22.83 16.14 1.25
CA ILE A 111 -21.56 15.46 1.51
C ILE A 111 -21.57 13.98 1.08
N PHE A 112 -22.70 13.30 1.24
CA PHE A 112 -22.82 11.89 0.86
C PHE A 112 -22.98 11.67 -0.63
N HIS A 113 -23.61 12.62 -1.32
CA HIS A 113 -23.77 12.54 -2.77
C HIS A 113 -22.44 12.71 -3.50
N VAL A 114 -21.62 13.66 -3.04
CA VAL A 114 -20.31 13.91 -3.63
C VAL A 114 -19.30 12.83 -3.20
N ASN A 115 -19.27 12.52 -1.91
CA ASN A 115 -18.25 11.63 -1.33
C ASN A 115 -18.47 10.15 -1.57
N VAL A 116 -19.73 9.71 -1.58
CA VAL A 116 -20.03 8.29 -1.74
C VAL A 116 -20.71 7.99 -3.09
N LYS A 117 -21.80 8.69 -3.38
CA LYS A 117 -22.55 8.46 -4.62
C LYS A 117 -21.71 8.77 -5.87
N GLY A 118 -20.87 9.79 -5.76
CA GLY A 118 -19.95 10.16 -6.83
C GLY A 118 -19.00 9.03 -7.17
N TYR A 119 -18.50 8.36 -6.13
CA TYR A 119 -17.62 7.21 -6.26
C TYR A 119 -18.37 6.01 -6.83
N ILE A 120 -19.63 5.84 -6.42
CA ILE A 120 -20.51 4.79 -6.92
C ILE A 120 -20.77 4.99 -8.42
N HIS A 121 -21.10 6.21 -8.81
CA HIS A 121 -21.41 6.54 -10.20
C HIS A 121 -20.19 6.45 -11.11
N ALA A 122 -19.04 6.88 -10.60
CA ALA A 122 -17.80 6.87 -11.37
C ALA A 122 -17.43 5.45 -11.80
N VAL A 123 -17.47 4.52 -10.86
CA VAL A 123 -17.16 3.12 -11.13
C VAL A 123 -18.24 2.52 -12.05
N LYS A 124 -19.49 2.89 -11.79
CA LYS A 124 -20.62 2.46 -12.61
C LYS A 124 -20.44 2.84 -14.08
N ALA A 125 -20.05 4.09 -14.32
CA ALA A 125 -19.91 4.63 -15.66
C ALA A 125 -18.70 4.09 -16.43
N CYS A 126 -17.62 3.82 -15.69
CA CYS A 126 -16.38 3.34 -16.31
C CYS A 126 -16.26 1.81 -16.33
N LEU A 127 -17.21 1.14 -15.69
CA LEU A 127 -17.19 -0.32 -15.57
C LEU A 127 -16.99 -1.05 -16.91
N PRO A 128 -17.82 -0.75 -17.94
CA PRO A 128 -17.64 -1.39 -19.25
C PRO A 128 -16.21 -1.28 -19.79
N ALA A 129 -15.60 -0.10 -19.68
CA ALA A 129 -14.23 0.12 -20.15
C ALA A 129 -13.18 -0.58 -19.29
N LEU A 130 -13.37 -0.57 -17.97
CA LEU A 130 -12.43 -1.18 -17.03
C LEU A 130 -12.39 -2.72 -17.14
N VAL A 131 -13.52 -3.33 -17.45
CA VAL A 131 -13.59 -4.77 -17.70
C VAL A 131 -12.89 -5.10 -19.02
N SER A 132 -13.02 -4.20 -19.99
CA SER A 132 -12.38 -4.34 -21.30
C SER A 132 -10.86 -4.19 -21.18
N SER A 133 -10.41 -3.18 -20.44
CA SER A 133 -8.98 -2.95 -20.22
C SER A 133 -8.41 -3.84 -19.12
N ARG A 134 -9.30 -4.51 -18.38
CA ARG A 134 -8.93 -5.32 -17.21
C ARG A 134 -8.11 -4.50 -16.22
N GLY A 135 -8.57 -3.27 -15.97
CA GLY A 135 -7.83 -2.30 -15.19
C GLY A 135 -8.15 -2.32 -13.71
N SER A 136 -8.10 -1.15 -13.08
CA SER A 136 -8.27 -1.04 -11.64
C SER A 136 -8.90 0.28 -11.21
N VAL A 137 -9.57 0.24 -10.07
CA VAL A 137 -10.12 1.43 -9.44
C VAL A 137 -9.28 1.74 -8.20
N VAL A 138 -8.82 2.99 -8.10
CA VAL A 138 -8.16 3.44 -6.88
C VAL A 138 -8.91 4.61 -6.27
N PHE A 139 -9.68 4.30 -5.22
CA PHE A 139 -10.46 5.28 -4.49
C PHE A 139 -9.55 6.16 -3.64
N THR A 140 -9.81 7.45 -3.64
CA THR A 140 -9.21 8.35 -2.67
C THR A 140 -10.08 8.33 -1.43
N ILE A 141 -9.50 7.91 -0.31
CA ILE A 141 -10.21 7.88 0.96
C ILE A 141 -9.71 9.04 1.84
N SER A 142 -9.26 8.70 3.05
CA SER A 142 -8.87 9.67 4.08
C SER A 142 -8.56 8.92 5.35
N ASN A 143 -7.75 9.53 6.21
CA ASN A 143 -7.56 9.03 7.57
C ASN A 143 -8.88 9.00 8.34
N ALA A 144 -9.80 9.88 7.93
CA ALA A 144 -11.16 9.92 8.47
C ALA A 144 -12.01 8.73 8.01
N GLY A 145 -11.39 7.79 7.29
CA GLY A 145 -12.03 6.52 6.95
C GLY A 145 -11.56 5.40 7.86
N PHE A 146 -10.77 5.74 8.87
CA PHE A 146 -10.16 4.75 9.77
C PHE A 146 -10.11 5.23 11.21
N TYR A 147 -9.91 6.54 11.38
CA TYR A 147 -9.78 7.14 12.71
C TYR A 147 -10.75 8.31 12.87
N PRO A 148 -11.13 8.64 14.12
CA PRO A 148 -11.97 9.83 14.34
C PRO A 148 -11.18 11.14 14.31
N ASN A 149 -11.87 12.24 14.62
CA ASN A 149 -11.27 13.59 14.71
C ASN A 149 -10.61 14.13 13.43
N GLY A 150 -10.84 13.45 12.31
CA GLY A 150 -10.41 13.94 11.00
C GLY A 150 -11.59 14.52 10.22
N GLY A 151 -12.65 14.84 10.96
CA GLY A 151 -13.89 15.37 10.41
C GLY A 151 -15.02 15.14 11.40
N GLY A 152 -16.18 15.72 11.13
CA GLY A 152 -17.36 15.49 11.96
C GLY A 152 -18.01 14.15 11.68
N PRO A 153 -19.23 13.92 12.21
CA PRO A 153 -19.99 12.70 11.91
C PRO A 153 -20.21 12.49 10.42
N LEU A 154 -20.40 13.56 9.66
CA LEU A 154 -20.72 13.47 8.24
C LEU A 154 -19.55 13.01 7.38
N TYR A 155 -18.42 13.69 7.49
CA TYR A 155 -17.23 13.38 6.69
C TYR A 155 -16.62 12.03 7.04
N THR A 156 -16.57 11.74 8.34
CA THR A 156 -16.05 10.47 8.84
C THR A 156 -16.89 9.30 8.33
N ALA A 157 -18.21 9.44 8.35
CA ALA A 157 -19.11 8.41 7.83
C ALA A 157 -18.97 8.20 6.32
N THR A 158 -18.86 9.30 5.56
CA THR A 158 -18.67 9.21 4.10
C THR A 158 -17.36 8.52 3.74
N LYS A 159 -16.32 8.80 4.51
CA LYS A 159 -14.99 8.26 4.25
C LYS A 159 -14.84 6.81 4.71
N HIS A 160 -15.60 6.42 5.74
CA HIS A 160 -15.68 5.02 6.14
C HIS A 160 -16.51 4.22 5.15
N ALA A 161 -17.47 4.89 4.52
CA ALA A 161 -18.34 4.27 3.52
C ALA A 161 -17.58 3.90 2.23
N VAL A 162 -16.58 4.70 1.85
CA VAL A 162 -15.76 4.38 0.67
C VAL A 162 -14.82 3.18 0.92
N VAL A 163 -14.39 3.02 2.17
CA VAL A 163 -13.68 1.81 2.59
C VAL A 163 -14.54 0.57 2.33
N GLY A 164 -15.84 0.71 2.56
CA GLY A 164 -16.82 -0.33 2.24
C GLY A 164 -16.96 -0.56 0.76
N LEU A 165 -16.86 0.52 -0.03
CA LEU A 165 -16.85 0.44 -1.48
C LEU A 165 -15.60 -0.28 -2.00
N VAL A 166 -14.45 -0.03 -1.36
CA VAL A 166 -13.20 -0.71 -1.70
C VAL A 166 -13.35 -2.23 -1.54
N ARG A 167 -13.93 -2.65 -0.42
CA ARG A 167 -14.09 -4.07 -0.10
C ARG A 167 -15.14 -4.74 -0.97
N GLN A 168 -16.28 -4.10 -1.14
CA GLN A 168 -17.39 -4.65 -1.92
C GLN A 168 -17.08 -4.67 -3.41
N MET A 169 -16.55 -3.57 -3.93
CA MET A 169 -16.25 -3.48 -5.37
C MET A 169 -15.09 -4.40 -5.77
N ALA A 170 -14.16 -4.62 -4.85
CA ALA A 170 -13.07 -5.57 -5.06
C ALA A 170 -13.61 -6.99 -5.22
N PHE A 171 -14.62 -7.33 -4.42
CA PHE A 171 -15.32 -8.60 -4.54
C PHE A 171 -16.13 -8.66 -5.83
N GLU A 172 -16.91 -7.63 -6.10
CA GLU A 172 -17.85 -7.62 -7.22
C GLU A 172 -17.21 -7.62 -8.60
N LEU A 173 -16.10 -6.89 -8.75
CA LEU A 173 -15.52 -6.66 -10.07
C LEU A 173 -14.45 -7.67 -10.45
N ALA A 174 -14.09 -8.53 -9.49
CA ALA A 174 -13.11 -9.59 -9.72
C ALA A 174 -13.71 -10.68 -10.61
N PRO A 175 -12.88 -11.38 -11.41
CA PRO A 175 -11.41 -11.33 -11.50
C PRO A 175 -10.87 -10.34 -12.54
N HIS A 176 -11.74 -9.46 -13.05
CA HIS A 176 -11.38 -8.57 -14.16
C HIS A 176 -10.82 -7.23 -13.70
N VAL A 177 -11.53 -6.58 -12.78
CA VAL A 177 -11.14 -5.25 -12.30
C VAL A 177 -10.72 -5.31 -10.84
N ARG A 178 -9.53 -4.79 -10.56
CA ARG A 178 -9.01 -4.70 -9.21
C ARG A 178 -9.47 -3.40 -8.57
N VAL A 179 -9.79 -3.45 -7.28
CA VAL A 179 -10.28 -2.27 -6.57
C VAL A 179 -9.49 -2.05 -5.29
N ASN A 180 -8.79 -0.92 -5.24
CA ASN A 180 -7.95 -0.57 -4.09
C ASN A 180 -8.26 0.82 -3.58
N GLY A 181 -7.68 1.17 -2.43
CA GLY A 181 -7.93 2.46 -1.81
C GLY A 181 -6.70 3.07 -1.15
N VAL A 182 -6.48 4.34 -1.44
CA VAL A 182 -5.45 5.14 -0.78
C VAL A 182 -6.15 6.09 0.18
N ALA A 183 -5.67 6.16 1.41
CA ALA A 183 -6.23 7.06 2.42
C ALA A 183 -5.21 8.12 2.86
N PRO A 184 -5.13 9.24 2.12
CA PRO A 184 -4.17 10.29 2.42
C PRO A 184 -4.55 11.11 3.66
N GLY A 185 -3.58 11.84 4.21
CA GLY A 185 -3.82 12.67 5.39
C GLY A 185 -2.62 13.52 5.77
N GLY A 186 -2.86 14.61 6.49
CA GLY A 186 -1.81 15.55 6.87
C GLY A 186 -1.33 16.38 5.69
N MET A 187 -2.27 16.73 4.81
CA MET A 187 -1.99 17.49 3.61
C MET A 187 -2.13 18.99 3.84
N ASN A 188 -1.75 19.79 2.83
CA ASN A 188 -1.97 21.23 2.83
C ASN A 188 -3.00 21.57 1.75
N THR A 189 -4.26 21.64 2.16
CA THR A 189 -5.38 21.69 1.21
C THR A 189 -6.21 22.98 1.21
N ASP A 190 -6.84 23.24 0.07
CA ASP A 190 -7.89 24.25 -0.04
C ASP A 190 -9.23 23.53 -0.21
N LEU A 191 -9.46 22.55 0.66
CA LEU A 191 -10.67 21.72 0.61
C LEU A 191 -11.87 22.50 1.16
N ARG A 192 -12.97 22.45 0.41
CA ARG A 192 -14.18 23.22 0.74
C ARG A 192 -15.31 22.33 1.26
N GLY A 193 -16.40 22.96 1.71
CA GLY A 193 -17.53 22.25 2.29
C GLY A 193 -18.89 22.65 1.74
N PRO A 194 -19.98 22.18 2.38
CA PRO A 194 -21.35 22.49 1.96
C PRO A 194 -21.77 23.91 2.34
N SER A 195 -22.74 24.44 1.61
CA SER A 195 -23.26 25.80 1.85
C SER A 195 -24.12 25.88 3.11
N SER A 196 -24.62 24.73 3.55
CA SER A 196 -25.45 24.63 4.76
C SER A 196 -24.67 24.96 6.03
N LEU A 197 -23.39 24.58 6.05
CA LEU A 197 -22.54 24.77 7.22
C LEU A 197 -21.76 26.08 7.18
N GLY A 198 -21.52 26.66 8.35
CA GLY A 198 -20.80 27.92 8.48
C GLY A 198 -21.74 29.10 8.71
N VAL A 207 -6.18 23.10 13.12
CA VAL A 207 -5.09 22.59 13.94
C VAL A 207 -3.78 23.29 13.60
N PRO A 208 -3.15 23.98 14.58
CA PRO A 208 -1.88 24.68 14.38
C PRO A 208 -0.74 23.75 14.00
N LEU A 209 0.20 24.24 13.20
CA LEU A 209 1.33 23.46 12.70
C LEU A 209 2.18 22.82 13.81
N ALA A 210 2.41 23.57 14.89
CA ALA A 210 3.20 23.09 16.03
C ALA A 210 2.54 21.90 16.73
N ASP A 211 1.22 21.96 16.87
CA ASP A 211 0.45 20.88 17.49
C ASP A 211 0.28 19.70 16.54
N MET A 212 0.33 19.99 15.24
CA MET A 212 0.17 18.99 14.18
C MET A 212 1.39 18.07 14.08
N LEU A 213 2.58 18.60 14.37
CA LEU A 213 3.81 17.83 14.27
C LEU A 213 4.14 17.07 15.54
N LYS A 214 3.77 17.65 16.68
CA LYS A 214 4.05 17.05 17.99
C LYS A 214 3.04 15.99 18.42
N SER A 215 1.79 16.14 17.99
CA SER A 215 0.72 15.27 18.45
C SER A 215 -0.01 14.50 17.35
N VAL A 216 -0.02 15.03 16.13
CA VAL A 216 -0.79 14.44 15.03
C VAL A 216 0.05 13.56 14.10
N LEU A 217 1.19 14.08 13.64
CA LEU A 217 2.01 13.40 12.64
C LEU A 217 3.35 12.91 13.20
N PRO A 218 3.50 11.58 13.34
CA PRO A 218 4.76 10.94 13.71
C PRO A 218 5.95 11.30 12.80
N ILE A 219 5.69 11.44 11.50
CA ILE A 219 6.75 11.77 10.52
C ILE A 219 7.39 13.15 10.76
N GLY A 220 6.71 13.99 11.55
CA GLY A 220 7.26 15.27 11.98
C GLY A 220 7.36 16.35 10.91
N ARG A 221 6.56 16.20 9.86
CA ARG A 221 6.49 17.19 8.78
C ARG A 221 5.16 17.06 8.03
N MET A 222 4.71 18.18 7.44
CA MET A 222 3.52 18.16 6.60
C MET A 222 3.92 18.20 5.12
N PRO A 223 3.83 17.05 4.43
CA PRO A 223 4.27 16.92 3.04
C PRO A 223 3.38 17.68 2.06
N ALA A 224 3.94 18.04 0.92
CA ALA A 224 3.20 18.70 -0.16
C ALA A 224 2.36 17.67 -0.92
N LEU A 225 1.41 18.15 -1.72
CA LEU A 225 0.51 17.29 -2.49
C LEU A 225 1.25 16.32 -3.42
N GLU A 226 2.40 16.76 -3.91
CA GLU A 226 3.26 15.96 -4.81
C GLU A 226 3.74 14.65 -4.19
N GLU A 227 3.97 14.68 -2.88
CA GLU A 227 4.47 13.52 -2.14
C GLU A 227 3.38 12.47 -1.92
N TYR A 228 2.12 12.85 -2.17
CA TYR A 228 0.99 11.95 -2.02
C TYR A 228 0.55 11.31 -3.34
N THR A 229 1.29 11.60 -4.41
CA THR A 229 0.93 11.13 -5.75
C THR A 229 1.54 9.76 -6.04
N GLY A 230 2.68 9.48 -5.39
CA GLY A 230 3.41 8.22 -5.58
C GLY A 230 2.60 6.97 -5.33
N ALA A 231 1.74 7.01 -4.31
CA ALA A 231 0.88 5.88 -3.95
C ALA A 231 -0.05 5.49 -5.10
N TYR A 232 -0.57 6.50 -5.79
CA TYR A 232 -1.49 6.30 -6.91
C TYR A 232 -0.77 5.73 -8.15
N VAL A 233 0.42 6.26 -8.42
CA VAL A 233 1.25 5.78 -9.52
C VAL A 233 1.55 4.29 -9.39
N PHE A 234 1.87 3.87 -8.16
CA PHE A 234 2.08 2.46 -7.83
C PHE A 234 0.86 1.59 -8.22
N PHE A 235 -0.33 2.01 -7.80
CA PHE A 235 -1.55 1.26 -8.08
C PHE A 235 -1.94 1.26 -9.56
N ALA A 236 -1.47 2.26 -10.29
CA ALA A 236 -1.80 2.41 -11.71
C ALA A 236 -0.76 1.79 -12.65
N THR A 237 0.37 1.36 -12.09
CA THR A 237 1.45 0.75 -12.85
C THR A 237 1.03 -0.66 -13.32
N ARG A 238 1.21 -0.92 -14.61
CA ARG A 238 0.73 -2.13 -15.26
C ARG A 238 1.13 -3.41 -14.51
N GLY A 239 2.43 -3.57 -14.25
CA GLY A 239 2.94 -4.82 -13.67
C GLY A 239 3.47 -4.73 -12.24
N ASP A 240 3.04 -3.72 -11.49
CA ASP A 240 3.52 -3.53 -10.12
C ASP A 240 2.50 -3.91 -9.03
N SER A 241 1.23 -4.01 -9.40
CA SER A 241 0.17 -4.24 -8.41
C SER A 241 -0.92 -5.23 -8.82
N LEU A 242 -0.56 -6.23 -9.62
CA LEU A 242 -1.52 -7.28 -10.01
C LEU A 242 -2.10 -8.06 -8.83
N PRO A 243 -1.25 -8.46 -7.84
CA PRO A 243 -1.78 -9.16 -6.67
C PRO A 243 -2.64 -8.29 -5.76
N ALA A 244 -2.63 -6.97 -5.98
CA ALA A 244 -3.32 -6.04 -5.10
C ALA A 244 -4.78 -5.81 -5.47
N THR A 245 -5.67 -6.31 -4.62
CA THR A 245 -7.10 -5.96 -4.70
C THR A 245 -7.72 -6.02 -3.31
N GLY A 246 -8.57 -5.03 -3.01
CA GLY A 246 -9.12 -4.85 -1.66
C GLY A 246 -8.11 -4.22 -0.71
N ALA A 247 -7.00 -3.74 -1.26
CA ALA A 247 -5.91 -3.16 -0.47
C ALA A 247 -6.27 -1.77 0.06
N LEU A 248 -5.86 -1.51 1.30
CA LEU A 248 -6.06 -0.22 1.94
C LEU A 248 -4.72 0.32 2.43
N LEU A 249 -4.24 1.38 1.79
CA LEU A 249 -2.99 2.01 2.20
C LEU A 249 -3.24 3.29 2.99
N ASN A 250 -2.94 3.24 4.28
CA ASN A 250 -2.96 4.42 5.15
C ASN A 250 -1.76 5.30 4.84
N TYR A 251 -2.03 6.47 4.29
CA TYR A 251 -1.02 7.34 3.70
C TYR A 251 -1.11 8.71 4.34
N ASP A 252 -0.99 8.74 5.67
CA ASP A 252 -1.32 9.91 6.47
C ASP A 252 -0.20 10.37 7.42
N GLY A 253 1.03 9.91 7.16
CA GLY A 253 2.16 10.24 8.02
C GLY A 253 2.21 9.46 9.32
N GLY A 254 1.32 8.47 9.45
CA GLY A 254 1.29 7.60 10.62
C GLY A 254 0.31 7.99 11.70
N MET A 255 -0.82 8.57 11.31
CA MET A 255 -1.87 8.98 12.26
C MET A 255 -2.40 7.82 13.12
N GLY A 256 -2.39 6.61 12.57
CA GLY A 256 -2.88 5.43 13.27
C GLY A 256 -1.86 4.71 14.11
N VAL A 257 -0.60 5.13 14.01
CA VAL A 257 0.48 4.57 14.83
C VAL A 257 1.10 5.61 15.75
N ARG A 258 0.40 6.72 15.96
CA ARG A 258 0.89 7.79 16.82
C ARG A 258 0.81 7.41 18.31
N GLY A 259 1.74 7.94 19.10
CA GLY A 259 1.81 7.64 20.52
C GLY A 259 0.80 8.38 21.37
N PHE A 260 0.85 8.15 22.68
CA PHE A 260 -0.11 8.74 23.61
C PHE A 260 0.18 10.20 23.94
N LEU A 261 1.42 10.49 24.35
CA LEU A 261 1.80 11.84 24.74
C LEU A 261 2.42 12.62 23.58
N THR A 262 3.24 11.94 22.80
CA THR A 262 3.88 12.54 21.63
C THR A 262 3.61 11.66 20.41
N ALA A 263 3.49 12.28 19.24
CA ALA A 263 3.23 11.58 17.99
C ALA A 263 4.34 10.57 17.68
N ALA A 264 5.59 11.02 17.79
CA ALA A 264 6.75 10.18 17.56
C ALA A 264 7.39 9.77 18.87
N GLY A 265 8.10 8.65 18.86
CA GLY A 265 8.78 8.15 20.05
C GLY A 265 10.29 8.03 19.91
N GLY A 266 10.81 8.44 18.76
CA GLY A 266 12.24 8.30 18.48
C GLY A 266 12.96 9.56 18.03
N ALA A 267 12.59 10.69 18.63
CA ALA A 267 13.22 11.96 18.32
C ALA A 267 14.63 12.06 18.93
N ASP A 268 14.87 11.25 19.97
CA ASP A 268 16.15 11.21 20.66
C ASP A 268 17.16 10.28 19.99
N LEU A 269 16.66 9.42 19.10
CA LEU A 269 17.46 8.37 18.45
C LEU A 269 18.84 8.80 17.90
N PRO A 270 18.89 9.87 17.07
CA PRO A 270 20.17 10.26 16.48
C PRO A 270 21.30 10.44 17.49
N GLU A 271 21.05 11.22 18.54
CA GLU A 271 22.07 11.46 19.58
C GLU A 271 22.11 10.37 20.66
N LYS A 272 21.16 9.43 20.59
CA LYS A 272 21.16 8.26 21.47
C LYS A 272 22.05 7.16 20.88
N LEU A 273 22.04 7.06 19.54
CA LEU A 273 22.82 6.07 18.83
C LEU A 273 24.22 6.56 18.44
N ASN A 274 24.59 7.73 18.96
CA ASN A 274 25.92 8.33 18.77
C ASN A 274 26.34 8.49 17.30
N ILE A 275 25.54 9.24 16.55
CA ILE A 275 25.81 9.46 15.12
C ILE A 275 26.47 10.83 14.88
N MET B 1 14.63 3.01 -14.16
CA MET B 1 15.26 2.68 -12.84
C MET B 1 14.82 3.67 -11.76
N LYS B 2 14.17 3.16 -10.73
CA LYS B 2 13.56 3.99 -9.69
C LYS B 2 14.38 4.07 -8.40
N LEU B 3 15.27 3.10 -8.20
CA LEU B 3 16.04 3.02 -6.96
C LEU B 3 17.55 3.24 -7.16
N THR B 4 17.91 4.01 -8.19
CA THR B 4 19.32 4.29 -8.48
C THR B 4 19.98 5.04 -7.31
N GLY B 5 21.08 4.49 -6.82
CA GLY B 5 21.84 5.10 -5.73
C GLY B 5 21.48 4.58 -4.35
N GLU B 6 20.35 3.88 -4.27
CA GLU B 6 19.85 3.36 -3.00
C GLU B 6 20.52 2.04 -2.62
N VAL B 7 20.48 1.72 -1.34
CA VAL B 7 21.06 0.49 -0.80
C VAL B 7 20.04 -0.24 0.07
N ALA B 8 19.87 -1.54 -0.20
CA ALA B 8 18.93 -2.35 0.56
C ALA B 8 19.60 -3.51 1.28
N LEU B 9 19.09 -3.84 2.47
CA LEU B 9 19.45 -5.08 3.14
C LEU B 9 18.20 -5.94 3.23
N ILE B 10 18.24 -7.08 2.55
CA ILE B 10 17.14 -8.04 2.58
C ILE B 10 17.59 -9.33 3.26
N THR B 11 16.80 -9.80 4.22
CA THR B 11 17.06 -11.09 4.87
C THR B 11 16.20 -12.16 4.23
N GLY B 12 16.72 -13.38 4.16
CA GLY B 12 16.03 -14.50 3.49
C GLY B 12 15.87 -14.29 2.01
N GLY B 13 16.84 -13.61 1.40
CA GLY B 13 16.76 -13.23 0.00
C GLY B 13 17.57 -14.06 -0.97
N ALA B 14 17.82 -15.31 -0.61
CA ALA B 14 18.53 -16.24 -1.50
C ALA B 14 17.57 -17.15 -2.27
N SER B 15 16.29 -17.11 -1.91
CA SER B 15 15.26 -17.86 -2.61
C SER B 15 13.86 -17.25 -2.43
N GLY B 16 12.93 -17.66 -3.30
CA GLY B 16 11.53 -17.23 -3.23
C GLY B 16 11.32 -15.76 -3.47
N LEU B 17 10.49 -15.14 -2.64
CA LEU B 17 10.18 -13.72 -2.70
C LEU B 17 11.43 -12.87 -2.48
N GLY B 18 12.24 -13.26 -1.49
CA GLY B 18 13.47 -12.55 -1.17
C GLY B 18 14.42 -12.40 -2.35
N ARG B 19 14.65 -13.51 -3.06
CA ARG B 19 15.46 -13.50 -4.27
C ARG B 19 14.86 -12.62 -5.36
N ALA B 20 13.54 -12.74 -5.54
CA ALA B 20 12.80 -11.90 -6.48
C ALA B 20 12.99 -10.42 -6.17
N LEU B 21 13.02 -10.10 -4.87
CA LEU B 21 13.25 -8.73 -4.41
C LEU B 21 14.68 -8.27 -4.69
N VAL B 22 15.65 -9.16 -4.48
CA VAL B 22 17.04 -8.90 -4.83
C VAL B 22 17.16 -8.60 -6.31
N ASP B 23 16.63 -9.51 -7.14
CA ASP B 23 16.62 -9.34 -8.60
C ASP B 23 16.03 -8.00 -9.01
N ARG B 24 14.86 -7.67 -8.46
CA ARG B 24 14.13 -6.46 -8.80
C ARG B 24 14.84 -5.19 -8.34
N PHE B 25 15.36 -5.22 -7.11
CA PHE B 25 16.05 -4.06 -6.54
C PHE B 25 17.34 -3.73 -7.28
N VAL B 26 18.08 -4.77 -7.67
CA VAL B 26 19.29 -4.61 -8.47
C VAL B 26 18.93 -4.08 -9.86
N ALA B 27 17.87 -4.65 -10.45
CA ALA B 27 17.38 -4.22 -11.76
C ALA B 27 16.86 -2.78 -11.75
N GLU B 28 16.41 -2.30 -10.59
CA GLU B 28 15.91 -0.94 -10.43
C GLU B 28 17.01 0.07 -10.11
N GLY B 29 18.26 -0.39 -10.10
CA GLY B 29 19.42 0.50 -9.94
C GLY B 29 20.01 0.55 -8.54
N ALA B 30 19.44 -0.22 -7.61
CA ALA B 30 19.92 -0.27 -6.23
C ALA B 30 20.97 -1.34 -6.03
N ARG B 31 21.63 -1.31 -4.88
CA ARG B 31 22.59 -2.33 -4.48
C ARG B 31 22.09 -3.06 -3.24
N VAL B 32 22.18 -4.38 -3.26
CA VAL B 32 21.54 -5.21 -2.25
C VAL B 32 22.54 -6.05 -1.47
N ALA B 33 22.43 -6.01 -0.14
CA ALA B 33 23.12 -6.95 0.73
C ALA B 33 22.10 -7.97 1.22
N VAL B 34 22.50 -9.23 1.26
CA VAL B 34 21.57 -10.32 1.55
C VAL B 34 22.04 -11.19 2.71
N LEU B 35 21.19 -11.35 3.71
CA LEU B 35 21.45 -12.28 4.80
C LEU B 35 20.58 -13.53 4.62
N ASP B 36 21.24 -14.68 4.55
CA ASP B 36 20.56 -15.96 4.40
C ASP B 36 21.47 -17.09 4.90
N LYS B 37 20.88 -18.20 5.33
CA LYS B 37 21.65 -19.33 5.82
C LYS B 37 22.03 -20.31 4.69
N SER B 38 21.43 -20.12 3.51
CA SER B 38 21.74 -20.94 2.34
C SER B 38 22.98 -20.41 1.62
N ALA B 39 24.08 -21.16 1.72
CA ALA B 39 25.36 -20.72 1.17
C ALA B 39 25.41 -20.81 -0.35
N GLU B 40 24.93 -21.93 -0.89
CA GLU B 40 24.90 -22.18 -2.34
C GLU B 40 24.10 -21.11 -3.08
N ARG B 41 22.91 -20.81 -2.56
CA ARG B 41 21.99 -19.87 -3.20
C ARG B 41 22.42 -18.41 -3.09
N LEU B 42 23.24 -18.10 -2.09
CA LEU B 42 23.83 -16.78 -1.96
C LEU B 42 24.92 -16.56 -3.00
N ARG B 43 25.69 -17.61 -3.29
CA ARG B 43 26.67 -17.60 -4.37
C ARG B 43 26.00 -17.42 -5.74
N GLU B 44 24.86 -18.08 -5.91
CA GLU B 44 24.08 -18.03 -7.15
C GLU B 44 23.66 -16.62 -7.54
N LEU B 45 23.23 -15.82 -6.56
CA LEU B 45 22.84 -14.44 -6.81
C LEU B 45 24.04 -13.50 -6.94
N GLU B 46 25.16 -13.89 -6.33
CA GLU B 46 26.40 -13.10 -6.39
C GLU B 46 27.00 -13.05 -7.80
N VAL B 47 27.03 -14.19 -8.48
CA VAL B 47 27.50 -14.26 -9.86
C VAL B 47 26.48 -13.65 -10.82
N ALA B 48 25.21 -13.71 -10.44
CA ALA B 48 24.12 -13.19 -11.26
C ALA B 48 24.11 -11.65 -11.30
N HIS B 49 24.34 -11.03 -10.16
CA HIS B 49 24.25 -9.58 -10.03
C HIS B 49 25.59 -8.86 -9.88
N GLY B 50 26.68 -9.62 -9.96
CA GLY B 50 28.03 -9.05 -9.92
C GLY B 50 28.37 -8.39 -8.60
N GLY B 51 28.92 -7.19 -8.67
CA GLY B 51 29.30 -6.43 -7.49
C GLY B 51 28.12 -5.77 -6.78
N ASN B 52 26.96 -5.76 -7.43
CA ASN B 52 25.76 -5.10 -6.92
C ASN B 52 24.99 -5.89 -5.85
N ALA B 53 25.47 -7.09 -5.53
CA ALA B 53 24.85 -7.92 -4.51
C ALA B 53 25.90 -8.69 -3.71
N VAL B 54 25.95 -8.43 -2.41
CA VAL B 54 26.84 -9.15 -1.50
C VAL B 54 26.06 -10.12 -0.62
N GLY B 55 26.51 -11.37 -0.60
CA GLY B 55 25.87 -12.41 0.17
C GLY B 55 26.63 -12.71 1.45
N VAL B 56 25.95 -12.53 2.58
CA VAL B 56 26.51 -12.87 3.89
C VAL B 56 25.76 -14.05 4.50
N VAL B 57 26.48 -15.14 4.74
CA VAL B 57 25.92 -16.37 5.28
C VAL B 57 25.75 -16.26 6.80
N GLY B 58 24.52 -16.44 7.27
CA GLY B 58 24.24 -16.38 8.69
C GLY B 58 22.80 -16.69 9.05
N ASP B 59 22.54 -16.82 10.34
CA ASP B 59 21.21 -17.09 10.86
C ASP B 59 20.57 -15.78 11.34
N VAL B 60 19.32 -15.55 10.94
CA VAL B 60 18.59 -14.33 11.34
C VAL B 60 18.27 -14.31 12.83
N ARG B 61 18.27 -15.49 13.45
CA ARG B 61 18.05 -15.63 14.89
C ARG B 61 19.21 -15.05 15.71
N SER B 62 20.39 -14.98 15.10
CA SER B 62 21.59 -14.47 15.76
C SER B 62 21.75 -12.98 15.50
N LEU B 63 21.87 -12.21 16.59
CA LEU B 63 22.02 -10.76 16.50
C LEU B 63 23.37 -10.33 15.92
N GLN B 64 24.44 -11.01 16.33
CA GLN B 64 25.78 -10.71 15.81
C GLN B 64 25.93 -11.08 14.33
N ASP B 65 25.15 -12.07 13.89
CA ASP B 65 25.03 -12.39 12.47
C ASP B 65 24.35 -11.24 11.73
N GLN B 66 23.27 -10.73 12.32
CA GLN B 66 22.52 -9.60 11.76
C GLN B 66 23.39 -8.36 11.70
N LYS B 67 24.20 -8.14 12.74
CA LYS B 67 25.12 -7.01 12.80
C LYS B 67 26.26 -7.16 11.79
N ARG B 68 26.66 -8.41 11.53
CA ARG B 68 27.69 -8.71 10.54
C ARG B 68 27.18 -8.45 9.13
N ALA B 69 25.89 -8.66 8.92
CA ALA B 69 25.22 -8.34 7.66
C ALA B 69 25.14 -6.83 7.46
N ALA B 70 24.85 -6.10 8.54
CA ALA B 70 24.79 -4.64 8.52
C ALA B 70 26.17 -4.02 8.29
N GLU B 71 27.20 -4.65 8.87
CA GLU B 71 28.60 -4.25 8.68
C GLU B 71 29.04 -4.38 7.23
N ARG B 72 28.75 -5.55 6.65
CA ARG B 72 29.16 -5.86 5.29
C ARG B 72 28.46 -4.98 4.26
N CYS B 73 27.20 -4.62 4.54
CA CYS B 73 26.42 -3.72 3.70
C CYS B 73 27.04 -2.32 3.67
N LEU B 74 27.48 -1.85 4.83
CA LEU B 74 28.18 -0.56 4.97
C LEU B 74 29.57 -0.59 4.36
N ALA B 75 30.28 -1.71 4.54
CA ALA B 75 31.62 -1.88 3.99
C ALA B 75 31.61 -1.91 2.45
N ALA B 76 30.62 -2.60 1.90
CA ALA B 76 30.49 -2.75 0.45
C ALA B 76 29.88 -1.52 -0.22
N PHE B 77 28.84 -0.96 0.39
CA PHE B 77 28.04 0.08 -0.27
C PHE B 77 27.99 1.43 0.44
N GLY B 78 28.43 1.48 1.70
CA GLY B 78 28.58 2.73 2.42
C GLY B 78 27.41 3.19 3.29
N LYS B 79 26.24 2.58 3.06
CA LYS B 79 25.02 2.97 3.78
C LYS B 79 23.96 1.87 3.73
N ILE B 80 22.90 2.05 4.50
CA ILE B 80 21.67 1.27 4.33
C ILE B 80 20.49 2.23 4.26
N ASP B 81 19.71 2.12 3.18
CA ASP B 81 18.53 2.96 2.99
C ASP B 81 17.25 2.22 3.34
N THR B 82 17.09 1.02 2.79
CA THR B 82 15.89 0.23 3.03
C THR B 82 16.22 -1.15 3.57
N LEU B 83 15.67 -1.46 4.74
CA LEU B 83 15.81 -2.78 5.33
C LEU B 83 14.54 -3.59 5.10
N ILE B 84 14.71 -4.77 4.51
CA ILE B 84 13.58 -5.67 4.27
C ILE B 84 13.77 -6.99 5.03
N PRO B 85 13.28 -7.06 6.28
CA PRO B 85 13.23 -8.33 6.98
C PRO B 85 12.18 -9.23 6.33
N ASN B 86 12.64 -10.31 5.71
CA ASN B 86 11.80 -11.16 4.88
C ASN B 86 11.91 -12.66 5.23
N ALA B 87 13.03 -13.05 5.83
CA ALA B 87 13.27 -14.43 6.22
C ALA B 87 12.15 -14.97 7.12
N GLY B 88 11.53 -16.05 6.67
CA GLY B 88 10.39 -16.64 7.38
C GLY B 88 10.23 -18.14 7.17
N ILE B 89 9.65 -18.80 8.15
CA ILE B 89 9.43 -20.25 8.12
C ILE B 89 7.95 -20.56 8.33
N TRP B 90 7.49 -21.67 7.73
CA TRP B 90 6.08 -22.07 7.80
C TRP B 90 5.85 -23.22 8.79
N ASP B 91 4.59 -23.47 9.14
CA ASP B 91 4.23 -24.58 10.03
C ASP B 91 3.35 -25.61 9.32
N TYR B 92 3.36 -25.57 7.98
CA TYR B 92 2.58 -26.47 7.11
C TYR B 92 1.07 -26.38 7.35
N SER B 93 0.64 -25.31 8.02
CA SER B 93 -0.76 -25.12 8.45
C SER B 93 -1.20 -26.26 9.39
N THR B 94 -0.30 -26.65 10.28
CA THR B 94 -0.57 -27.70 11.25
C THR B 94 -1.41 -27.14 12.40
N ALA B 95 -2.59 -27.74 12.58
CA ALA B 95 -3.51 -27.33 13.63
C ALA B 95 -2.96 -27.65 15.01
N LEU B 96 -3.45 -26.93 16.03
CA LEU B 96 -3.05 -27.13 17.41
C LEU B 96 -3.25 -28.59 17.85
N ALA B 97 -4.35 -29.19 17.40
CA ALA B 97 -4.68 -30.57 17.71
C ALA B 97 -3.65 -31.54 17.12
N ASP B 98 -3.12 -31.19 15.94
CA ASP B 98 -2.15 -32.03 15.23
C ASP B 98 -0.71 -31.78 15.67
N LEU B 99 -0.49 -30.75 16.49
CA LEU B 99 0.82 -30.50 17.08
C LEU B 99 1.09 -31.46 18.24
N PRO B 100 2.17 -32.27 18.13
CA PRO B 100 2.51 -33.22 19.20
C PRO B 100 2.90 -32.51 20.49
N GLU B 101 2.55 -33.12 21.62
CA GLU B 101 2.77 -32.52 22.94
C GLU B 101 4.26 -32.40 23.30
N ASP B 102 5.11 -33.15 22.60
CA ASP B 102 6.55 -33.15 22.84
C ASP B 102 7.32 -32.32 21.80
N LYS B 103 6.65 -31.99 20.70
CA LYS B 103 7.26 -31.23 19.60
C LYS B 103 6.86 -29.75 19.62
N ILE B 104 5.82 -29.44 20.39
CA ILE B 104 5.21 -28.10 20.41
C ILE B 104 6.13 -26.97 20.93
N ASP B 105 6.80 -27.21 22.05
CA ASP B 105 7.72 -26.23 22.65
C ASP B 105 8.87 -25.86 21.72
N ALA B 106 9.54 -26.86 21.17
CA ALA B 106 10.65 -26.67 20.24
C ALA B 106 10.20 -26.06 18.90
N ALA B 107 8.98 -26.39 18.48
CA ALA B 107 8.41 -25.84 17.26
C ALA B 107 8.01 -24.38 17.43
N PHE B 108 7.56 -24.03 18.63
CA PHE B 108 7.22 -22.65 18.98
C PHE B 108 8.46 -21.77 18.88
N ASP B 109 9.54 -22.22 19.51
CA ASP B 109 10.82 -21.50 19.49
C ASP B 109 11.36 -21.36 18.07
N ASP B 110 11.40 -22.47 17.33
CA ASP B 110 11.88 -22.48 15.95
C ASP B 110 11.20 -21.43 15.09
N ILE B 111 9.87 -21.42 15.11
CA ILE B 111 9.09 -20.53 14.24
C ILE B 111 9.11 -19.07 14.69
N PHE B 112 9.06 -18.84 16.00
CA PHE B 112 9.06 -17.47 16.56
C PHE B 112 10.42 -16.77 16.53
N HIS B 113 11.50 -17.55 16.61
CA HIS B 113 12.85 -16.97 16.57
C HIS B 113 13.19 -16.43 15.18
N VAL B 114 12.84 -17.18 14.14
CA VAL B 114 13.06 -16.73 12.76
C VAL B 114 12.04 -15.65 12.36
N ASN B 115 10.75 -15.93 12.60
CA ASN B 115 9.67 -15.06 12.13
C ASN B 115 9.49 -13.75 12.87
N VAL B 116 9.78 -13.74 14.17
CA VAL B 116 9.59 -12.54 14.99
C VAL B 116 10.91 -11.97 15.53
N LYS B 117 11.73 -12.83 16.13
CA LYS B 117 13.01 -12.39 16.70
C LYS B 117 14.00 -11.95 15.62
N GLY B 118 14.03 -12.68 14.51
CA GLY B 118 14.86 -12.33 13.36
C GLY B 118 14.47 -11.01 12.73
N TYR B 119 13.20 -10.64 12.88
CA TYR B 119 12.69 -9.35 12.43
C TYR B 119 13.11 -8.24 13.39
N ILE B 120 13.12 -8.56 14.68
CA ILE B 120 13.59 -7.63 15.73
C ILE B 120 15.09 -7.39 15.60
N HIS B 121 15.85 -8.48 15.47
CA HIS B 121 17.31 -8.43 15.41
C HIS B 121 17.86 -7.71 14.18
N ALA B 122 17.10 -7.76 13.08
CA ALA B 122 17.48 -7.07 11.84
C ALA B 122 17.38 -5.55 12.01
N VAL B 123 16.24 -5.08 12.53
CA VAL B 123 16.03 -3.65 12.77
C VAL B 123 17.05 -3.14 13.79
N LYS B 124 17.24 -3.90 14.86
CA LYS B 124 18.20 -3.57 15.92
C LYS B 124 19.61 -3.38 15.36
N ALA B 125 20.03 -4.32 14.51
CA ALA B 125 21.35 -4.28 13.86
C ALA B 125 21.50 -3.12 12.86
N CYS B 126 20.41 -2.78 12.18
CA CYS B 126 20.43 -1.76 11.13
C CYS B 126 19.97 -0.38 11.58
N LEU B 127 19.58 -0.27 12.85
CA LEU B 127 19.04 0.99 13.39
C LEU B 127 19.98 2.21 13.28
N PRO B 128 21.27 2.05 13.65
CA PRO B 128 22.15 3.23 13.53
C PRO B 128 22.30 3.69 12.08
N ALA B 129 22.32 2.74 11.14
CA ALA B 129 22.45 3.05 9.71
C ALA B 129 21.19 3.70 9.13
N LEU B 130 20.03 3.13 9.45
CA LEU B 130 18.74 3.63 8.94
C LEU B 130 18.39 5.01 9.49
N VAL B 131 18.78 5.27 10.74
CA VAL B 131 18.61 6.58 11.35
C VAL B 131 19.52 7.61 10.67
N SER B 132 20.74 7.19 10.35
CA SER B 132 21.71 8.02 9.63
C SER B 132 21.24 8.44 8.25
N SER B 133 20.56 7.54 7.54
CA SER B 133 20.13 7.78 6.18
C SER B 133 18.70 8.30 6.07
N ARG B 134 18.02 8.43 7.22
CA ARG B 134 16.59 8.72 7.27
C ARG B 134 15.81 7.70 6.43
N GLY B 135 16.23 6.44 6.52
CA GLY B 135 15.68 5.37 5.70
C GLY B 135 14.40 4.77 6.22
N SER B 136 14.09 3.55 5.78
CA SER B 136 12.82 2.92 6.11
C SER B 136 12.90 1.40 6.25
N VAL B 137 12.01 0.85 7.06
CA VAL B 137 11.85 -0.58 7.23
C VAL B 137 10.60 -1.05 6.49
N VAL B 138 10.71 -2.17 5.78
CA VAL B 138 9.54 -2.80 5.17
C VAL B 138 9.48 -4.30 5.49
N PHE B 139 8.56 -4.65 6.38
CA PHE B 139 8.39 -6.02 6.83
C PHE B 139 7.60 -6.83 5.81
N THR B 140 8.01 -8.08 5.60
CA THR B 140 7.20 -9.03 4.86
C THR B 140 6.29 -9.76 5.86
N ILE B 141 5.00 -9.48 5.79
CA ILE B 141 4.02 -10.14 6.65
C ILE B 141 3.44 -11.33 5.88
N SER B 142 2.11 -11.38 5.78
CA SER B 142 1.38 -12.45 5.13
C SER B 142 -0.11 -12.23 5.37
N ASN B 143 -0.93 -12.90 4.57
CA ASN B 143 -2.36 -12.99 4.82
C ASN B 143 -2.64 -13.61 6.19
N ALA B 144 -1.70 -14.42 6.67
CA ALA B 144 -1.79 -15.07 7.98
C ALA B 144 -1.55 -14.08 9.13
N GLY B 145 -1.23 -12.83 8.77
CA GLY B 145 -1.10 -11.76 9.76
C GLY B 145 -2.38 -10.97 9.92
N PHE B 146 -3.42 -11.39 9.20
CA PHE B 146 -4.69 -10.67 9.16
C PHE B 146 -5.91 -11.59 9.22
N TYR B 147 -5.81 -12.76 8.59
CA TYR B 147 -6.92 -13.71 8.55
C TYR B 147 -6.44 -15.15 8.78
N PRO B 148 -7.32 -16.02 9.32
CA PRO B 148 -6.95 -17.40 9.62
C PRO B 148 -6.87 -18.30 8.39
N ASN B 149 -6.44 -19.54 8.60
CA ASN B 149 -6.30 -20.57 7.55
C ASN B 149 -5.14 -20.32 6.57
N GLY B 150 -4.33 -19.31 6.83
CA GLY B 150 -3.10 -19.08 6.10
C GLY B 150 -1.98 -19.98 6.62
N GLY B 151 -2.07 -20.30 7.91
CA GLY B 151 -1.18 -21.26 8.58
C GLY B 151 -1.89 -21.78 9.82
N GLY B 152 -1.13 -22.45 10.69
CA GLY B 152 -1.67 -22.93 11.96
C GLY B 152 -1.61 -21.86 13.05
N PRO B 153 -1.79 -22.26 14.33
CA PRO B 153 -1.69 -21.32 15.45
C PRO B 153 -0.33 -20.64 15.54
N LEU B 154 0.74 -21.37 15.22
CA LEU B 154 2.10 -20.85 15.31
C LEU B 154 2.40 -19.78 14.26
N TYR B 155 2.29 -20.15 12.98
CA TYR B 155 2.55 -19.23 11.86
C TYR B 155 1.64 -18.00 11.92
N THR B 156 0.35 -18.22 12.13
CA THR B 156 -0.62 -17.13 12.22
C THR B 156 -0.25 -16.13 13.32
N ALA B 157 0.13 -16.66 14.49
CA ALA B 157 0.55 -15.82 15.61
C ALA B 157 1.80 -15.00 15.28
N THR B 158 2.81 -15.67 14.70
CA THR B 158 4.05 -14.99 14.31
C THR B 158 3.79 -13.87 13.31
N LYS B 159 2.98 -14.16 12.28
CA LYS B 159 2.67 -13.17 11.24
C LYS B 159 1.78 -12.05 11.76
N HIS B 160 0.94 -12.36 12.75
CA HIS B 160 0.19 -11.32 13.47
C HIS B 160 1.13 -10.50 14.35
N ALA B 161 2.16 -11.15 14.90
CA ALA B 161 3.14 -10.47 15.75
C ALA B 161 3.97 -9.43 15.00
N VAL B 162 4.32 -9.72 13.75
CA VAL B 162 5.05 -8.73 12.92
C VAL B 162 4.19 -7.51 12.58
N VAL B 163 2.87 -7.71 12.49
CA VAL B 163 1.93 -6.59 12.37
C VAL B 163 2.12 -5.64 13.56
N GLY B 164 2.31 -6.22 14.74
CA GLY B 164 2.63 -5.46 15.95
C GLY B 164 3.97 -4.77 15.86
N LEU B 165 4.94 -5.43 15.22
CA LEU B 165 6.26 -4.84 14.97
C LEU B 165 6.15 -3.64 14.04
N VAL B 166 5.29 -3.73 13.03
CA VAL B 166 5.04 -2.61 12.13
C VAL B 166 4.55 -1.40 12.91
N ARG B 167 3.51 -1.59 13.72
CA ARG B 167 2.88 -0.49 14.46
C ARG B 167 3.77 0.13 15.53
N GLN B 168 4.47 -0.71 16.30
CA GLN B 168 5.32 -0.24 17.40
C GLN B 168 6.61 0.41 16.89
N MET B 169 7.22 -0.19 15.88
CA MET B 169 8.45 0.35 15.30
C MET B 169 8.20 1.60 14.46
N ALA B 170 6.99 1.71 13.90
CA ALA B 170 6.59 2.93 13.19
C ALA B 170 6.52 4.11 14.16
N PHE B 171 6.04 3.86 15.37
CA PHE B 171 6.00 4.87 16.43
C PHE B 171 7.40 5.14 16.99
N GLU B 172 8.10 4.08 17.36
CA GLU B 172 9.40 4.19 18.03
C GLU B 172 10.51 4.79 17.16
N LEU B 173 10.45 4.54 15.85
CA LEU B 173 11.51 4.99 14.95
C LEU B 173 11.21 6.31 14.24
N ALA B 174 10.01 6.83 14.43
CA ALA B 174 9.62 8.13 13.88
C ALA B 174 10.36 9.23 14.66
N PRO B 175 10.67 10.37 14.00
CA PRO B 175 10.34 10.78 12.64
C PRO B 175 11.32 10.37 11.52
N HIS B 176 12.46 9.80 11.88
CA HIS B 176 13.54 9.57 10.92
C HIS B 176 13.41 8.27 10.11
N VAL B 177 12.85 7.24 10.71
CA VAL B 177 12.75 5.93 10.06
C VAL B 177 11.30 5.47 9.91
N ARG B 178 10.84 5.39 8.66
CA ARG B 178 9.48 4.94 8.34
C ARG B 178 9.42 3.42 8.39
N VAL B 179 8.36 2.88 8.99
CA VAL B 179 8.22 1.43 9.14
C VAL B 179 6.88 0.97 8.56
N ASN B 180 6.95 0.11 7.56
CA ASN B 180 5.76 -0.36 6.87
C ASN B 180 5.74 -1.87 6.67
N GLY B 181 4.57 -2.40 6.36
CA GLY B 181 4.42 -3.83 6.13
C GLY B 181 3.76 -4.14 4.81
N VAL B 182 4.31 -5.13 4.10
CA VAL B 182 3.66 -5.72 2.94
C VAL B 182 3.25 -7.13 3.33
N ALA B 183 2.03 -7.53 2.95
CA ALA B 183 1.54 -8.87 3.27
C ALA B 183 1.17 -9.66 2.01
N PRO B 184 2.15 -10.35 1.40
CA PRO B 184 1.90 -11.18 0.22
C PRO B 184 1.02 -12.39 0.54
N GLY B 185 0.37 -12.96 -0.46
CA GLY B 185 -0.58 -14.05 -0.22
C GLY B 185 -0.65 -15.14 -1.26
N GLY B 186 -0.93 -14.77 -2.51
CA GLY B 186 -1.16 -15.76 -3.57
C GLY B 186 0.11 -16.40 -4.12
N MET B 187 1.19 -16.32 -3.35
CA MET B 187 2.48 -16.87 -3.73
C MET B 187 2.45 -18.38 -3.81
N ASN B 188 3.47 -18.96 -4.43
CA ASN B 188 3.57 -20.42 -4.59
C ASN B 188 5.00 -20.91 -4.37
N THR B 189 5.55 -20.61 -3.18
CA THR B 189 6.95 -20.85 -2.87
C THR B 189 7.19 -22.12 -2.05
N ASP B 190 8.41 -22.64 -2.12
CA ASP B 190 8.86 -23.73 -1.28
C ASP B 190 9.18 -23.19 0.12
N LEU B 191 8.13 -22.77 0.82
CA LEU B 191 8.26 -22.22 2.16
C LEU B 191 8.44 -23.37 3.15
N ARG B 192 9.67 -23.54 3.63
CA ARG B 192 10.04 -24.66 4.49
C ARG B 192 9.55 -24.51 5.94
N GLY B 193 9.85 -25.51 6.77
CA GLY B 193 9.41 -25.51 8.17
C GLY B 193 10.43 -26.03 9.17
N PRO B 194 10.01 -26.20 10.44
CA PRO B 194 10.87 -26.68 11.52
C PRO B 194 11.09 -28.19 11.45
N SER B 195 12.31 -28.62 11.74
CA SER B 195 12.68 -30.04 11.74
C SER B 195 12.00 -30.83 12.86
N SER B 196 11.15 -30.14 13.63
CA SER B 196 10.39 -30.76 14.71
C SER B 196 8.97 -31.13 14.29
N LEU B 197 8.69 -31.01 13.00
CA LEU B 197 7.36 -31.33 12.45
C LEU B 197 7.45 -32.15 11.17
N GLY B 198 6.31 -32.65 10.70
CA GLY B 198 6.23 -33.43 9.48
C GLY B 198 6.33 -32.58 8.23
N VAL B 207 -2.79 -29.06 1.07
CA VAL B 207 -3.63 -28.74 -0.09
C VAL B 207 -2.96 -27.65 -0.95
N PRO B 208 -2.67 -27.96 -2.22
CA PRO B 208 -2.08 -26.98 -3.14
C PRO B 208 -3.01 -25.81 -3.42
N LEU B 209 -2.43 -24.63 -3.60
CA LEU B 209 -3.19 -23.39 -3.85
C LEU B 209 -4.03 -23.46 -5.13
N ALA B 210 -3.46 -24.06 -6.17
CA ALA B 210 -4.13 -24.22 -7.46
C ALA B 210 -5.43 -25.01 -7.35
N ASP B 211 -5.43 -26.02 -6.48
CA ASP B 211 -6.58 -26.91 -6.27
C ASP B 211 -7.76 -26.22 -5.58
N MET B 212 -7.53 -25.04 -5.03
CA MET B 212 -8.53 -24.34 -4.22
C MET B 212 -8.72 -22.87 -4.63
N LEU B 213 -8.16 -22.49 -5.77
CA LEU B 213 -8.07 -21.07 -6.18
C LEU B 213 -9.38 -20.27 -6.11
N LYS B 214 -10.45 -20.81 -6.70
CA LYS B 214 -11.74 -20.10 -6.78
C LYS B 214 -12.42 -19.89 -5.43
N SER B 215 -11.80 -20.42 -4.37
CA SER B 215 -12.25 -20.21 -2.99
C SER B 215 -11.28 -19.29 -2.24
N VAL B 216 -10.11 -19.05 -2.83
CA VAL B 216 -9.04 -18.31 -2.17
C VAL B 216 -8.79 -16.92 -2.78
N LEU B 217 -8.54 -16.89 -4.10
CA LEU B 217 -8.12 -15.66 -4.77
C LEU B 217 -9.20 -15.10 -5.71
N PRO B 218 -9.85 -13.99 -5.32
CA PRO B 218 -10.75 -13.23 -6.19
C PRO B 218 -10.12 -12.81 -7.52
N ILE B 219 -8.83 -12.50 -7.51
CA ILE B 219 -8.09 -12.12 -8.74
C ILE B 219 -8.17 -13.19 -9.83
N GLY B 220 -8.45 -14.43 -9.43
CA GLY B 220 -8.73 -15.52 -10.37
C GLY B 220 -7.51 -16.14 -11.03
N ARG B 221 -6.33 -15.77 -10.53
CA ARG B 221 -5.07 -16.27 -11.09
C ARG B 221 -3.98 -16.36 -10.04
N MET B 222 -2.86 -16.97 -10.40
CA MET B 222 -1.71 -17.10 -9.52
C MET B 222 -0.58 -16.20 -10.01
N PRO B 223 -0.33 -15.09 -9.30
CA PRO B 223 0.73 -14.16 -9.70
C PRO B 223 2.11 -14.77 -9.48
N ALA B 224 3.03 -14.47 -10.40
CA ALA B 224 4.42 -14.88 -10.26
C ALA B 224 5.09 -14.13 -9.11
N LEU B 225 6.20 -14.68 -8.63
CA LEU B 225 6.98 -14.07 -7.56
C LEU B 225 7.40 -12.64 -7.89
N GLU B 226 7.70 -12.40 -9.17
CA GLU B 226 8.08 -11.08 -9.68
C GLU B 226 7.02 -10.02 -9.42
N GLU B 227 5.76 -10.41 -9.51
CA GLU B 227 4.62 -9.49 -9.35
C GLU B 227 4.44 -8.96 -7.93
N TYR B 228 5.15 -9.56 -6.98
CA TYR B 228 5.07 -9.17 -5.57
C TYR B 228 6.18 -8.20 -5.14
N THR B 229 7.00 -7.77 -6.10
CA THR B 229 8.16 -6.94 -5.79
C THR B 229 7.84 -5.45 -5.83
N GLY B 230 6.85 -5.08 -6.64
CA GLY B 230 6.45 -3.69 -6.84
C GLY B 230 6.04 -2.94 -5.58
N ALA B 231 5.47 -3.65 -4.62
CA ALA B 231 5.04 -3.05 -3.34
C ALA B 231 6.24 -2.62 -2.49
N TYR B 232 7.32 -3.40 -2.55
CA TYR B 232 8.54 -3.10 -1.81
C TYR B 232 9.33 -1.99 -2.46
N VAL B 233 9.33 -1.95 -3.79
CA VAL B 233 9.95 -0.86 -4.56
C VAL B 233 9.29 0.46 -4.18
N PHE B 234 7.97 0.44 -4.02
CA PHE B 234 7.19 1.59 -3.60
C PHE B 234 7.68 2.15 -2.27
N PHE B 235 7.70 1.30 -1.24
CA PHE B 235 8.20 1.70 0.09
C PHE B 235 9.69 2.03 0.10
N ALA B 236 10.41 1.62 -0.94
CA ALA B 236 11.84 1.91 -1.06
C ALA B 236 12.13 3.20 -1.83
N THR B 237 11.11 3.72 -2.52
CA THR B 237 11.25 4.98 -3.27
C THR B 237 10.91 6.17 -2.38
N ARG B 238 11.95 6.93 -2.03
CA ARG B 238 11.85 8.05 -1.10
C ARG B 238 10.86 9.13 -1.53
N GLY B 239 10.84 9.43 -2.84
CA GLY B 239 9.97 10.46 -3.39
C GLY B 239 8.56 10.00 -3.67
N ASP B 240 8.23 8.77 -3.29
CA ASP B 240 6.93 8.17 -3.59
C ASP B 240 6.15 7.69 -2.36
N SER B 241 6.86 7.48 -1.24
CA SER B 241 6.24 6.88 -0.07
C SER B 241 6.54 7.62 1.24
N LEU B 242 6.97 8.87 1.12
CA LEU B 242 7.31 9.71 2.28
C LEU B 242 6.23 9.80 3.36
N PRO B 243 4.95 10.05 2.98
CA PRO B 243 3.91 10.08 4.01
C PRO B 243 3.42 8.71 4.48
N ALA B 244 4.20 7.65 4.24
CA ALA B 244 3.81 6.31 4.66
C ALA B 244 4.66 5.74 5.80
N THR B 245 4.02 5.57 6.95
CA THR B 245 4.59 4.84 8.08
C THR B 245 3.46 4.17 8.88
N GLY B 246 3.68 2.91 9.25
CA GLY B 246 2.67 2.12 9.94
C GLY B 246 1.62 1.55 9.00
N ALA B 247 1.84 1.73 7.69
CA ALA B 247 0.90 1.27 6.67
C ALA B 247 0.99 -0.24 6.49
N LEU B 248 -0.18 -0.87 6.31
CA LEU B 248 -0.26 -2.31 6.15
C LEU B 248 -0.89 -2.64 4.80
N LEU B 249 -0.05 -3.09 3.87
CA LEU B 249 -0.49 -3.33 2.51
C LEU B 249 -0.83 -4.80 2.27
N ASN B 250 -2.13 -5.08 2.23
CA ASN B 250 -2.63 -6.41 1.90
C ASN B 250 -2.42 -6.70 0.42
N TYR B 251 -1.65 -7.75 0.16
CA TYR B 251 -1.08 -8.01 -1.15
C TYR B 251 -1.29 -9.50 -1.42
N ASP B 252 -2.54 -9.94 -1.27
CA ASP B 252 -2.87 -11.36 -1.19
C ASP B 252 -3.91 -11.82 -2.20
N GLY B 253 -4.02 -11.12 -3.32
CA GLY B 253 -4.99 -11.44 -4.36
C GLY B 253 -6.43 -11.21 -3.94
N GLY B 254 -6.61 -10.55 -2.80
CA GLY B 254 -7.92 -10.21 -2.26
C GLY B 254 -8.54 -11.25 -1.32
N MET B 255 -7.70 -11.99 -0.60
CA MET B 255 -8.17 -13.02 0.33
C MET B 255 -9.16 -12.48 1.36
N GLY B 256 -8.90 -11.27 1.85
CA GLY B 256 -9.74 -10.64 2.87
C GLY B 256 -11.05 -10.07 2.35
N VAL B 257 -11.17 -9.93 1.04
CA VAL B 257 -12.39 -9.42 0.42
C VAL B 257 -13.10 -10.45 -0.48
N ARG B 258 -12.85 -11.74 -0.19
CA ARG B 258 -13.49 -12.82 -0.94
C ARG B 258 -14.95 -13.01 -0.54
N GLY B 259 -15.73 -13.62 -1.43
CA GLY B 259 -17.12 -13.93 -1.15
C GLY B 259 -17.28 -15.25 -0.41
N PHE B 260 -18.52 -15.59 -0.07
CA PHE B 260 -18.82 -16.79 0.70
C PHE B 260 -18.82 -18.06 -0.15
N LEU B 261 -19.56 -18.02 -1.27
CA LEU B 261 -19.64 -19.16 -2.19
C LEU B 261 -18.41 -19.29 -3.06
N THR B 262 -18.03 -18.20 -3.71
CA THR B 262 -16.82 -18.14 -4.53
C THR B 262 -16.00 -16.92 -4.11
N ALA B 263 -14.71 -16.93 -4.43
CA ALA B 263 -13.81 -15.82 -4.06
C ALA B 263 -14.16 -14.54 -4.81
N ALA B 264 -14.18 -14.62 -6.15
CA ALA B 264 -14.59 -13.49 -6.99
C ALA B 264 -16.11 -13.44 -7.09
N GLY B 265 -16.65 -12.25 -7.36
CA GLY B 265 -18.08 -12.06 -7.44
C GLY B 265 -18.64 -11.70 -8.80
N GLY B 266 -17.75 -11.42 -9.75
CA GLY B 266 -18.17 -11.01 -11.09
C GLY B 266 -17.63 -11.87 -12.22
N ALA B 267 -17.83 -13.19 -12.10
CA ALA B 267 -17.47 -14.11 -13.17
C ALA B 267 -18.31 -13.85 -14.42
N ASP B 268 -19.61 -13.64 -14.22
CA ASP B 268 -20.53 -13.31 -15.31
C ASP B 268 -20.78 -11.80 -15.39
N LEU B 269 -19.72 -11.04 -15.58
CA LEU B 269 -19.80 -9.58 -15.69
C LEU B 269 -19.64 -9.09 -17.14
N PRO B 270 -18.66 -9.65 -17.90
CA PRO B 270 -18.48 -9.22 -19.30
C PRO B 270 -19.69 -9.48 -20.20
N GLU B 271 -20.54 -10.43 -19.81
CA GLU B 271 -21.77 -10.72 -20.55
C GLU B 271 -22.93 -9.82 -20.12
N LYS B 272 -22.86 -9.30 -18.89
CA LYS B 272 -23.83 -8.31 -18.41
C LYS B 272 -23.65 -6.96 -19.11
N LEU B 273 -22.47 -6.76 -19.71
CA LEU B 273 -22.14 -5.52 -20.39
C LEU B 273 -21.94 -5.74 -21.90
N ASN B 274 -21.95 -7.02 -22.32
CA ASN B 274 -21.73 -7.42 -23.71
C ASN B 274 -20.36 -7.01 -24.27
N ILE B 275 -19.30 -7.42 -23.58
CA ILE B 275 -17.92 -7.14 -23.99
C ILE B 275 -17.34 -8.33 -24.77
N ASN B 276 -17.33 -9.47 -24.29
#